data_2Y36
#
_entry.id   2Y36
#
_cell.length_a   56.010
_cell.length_b   63.620
_cell.length_c   113.380
_cell.angle_alpha   90.00
_cell.angle_beta   90.40
_cell.angle_gamma   90.00
#
_symmetry.space_group_name_H-M   'C 1 2 1'
#
loop_
_entity.id
_entity.type
_entity.pdbx_description
1 polymer 'ANTI-NP MURINE GERMLINE MONOCLONAL ANTIBODY BBE6.12H3'
2 polymer 'ANTI-NP MURINE GERMLINE MONOCLONAL ANTIBODY BBE6.12H3'
3 polymer 'DODECAPEPTIDE (DLWTTAIPTIPS)'
4 water water
#
loop_
_entity_poly.entity_id
_entity_poly.type
_entity_poly.pdbx_seq_one_letter_code
_entity_poly.pdbx_strand_id
1 'polypeptide(L)'
;QVQLQQPGAELVKPGASVKLSCKASGYTFTSYWMHWVKQRPGRGLEWIGRIDPNSGGTAYNEKFKSKATLTVDKPSSTAY
MQLSSLTSEDSAVYYCARYDYYGGSYFDYWGGQTTLTVSSAKTTPPSVYPLAPGSAAQTNSMVTLGCLVKGYFPEPVTVV
WNSGSLSSGVHTFPAVLQQGLYTLSSSVTVPSSPWPSETVTCNVAHPASSTAVDKAIVPR
;
H
2 'polypeptide(L)'
;QAVVTQESALTTSPGETVTLTCRSSTGAVTTSNYANWVQEKPDHLFTGLIGGTNNRAPGVPARFSGSLIGDKAALTITGG
QTEDEAIYFCALWYSNHWVFGGGTKLTVLGQPKSSPSVTLFPPSSEELATNTATLVCTITDFYPGVVTVDWTVDGTPVTQ
GMETTQPSKQSNNKYMASSYLTLTAAAWERHSSYSCQVTHEGHTVEKSLSR
;
L
3 'polypeptide(L)' DLWTTAIPTIPS P
#
# COMPACT_ATOMS: atom_id res chain seq x y z
N GLN A 1 6.92 21.84 -10.40
CA GLN A 1 7.91 20.72 -10.42
C GLN A 1 8.78 20.61 -9.17
N VAL A 2 8.19 20.88 -8.00
CA VAL A 2 8.93 20.72 -6.73
C VAL A 2 9.04 19.21 -6.63
N GLN A 3 10.25 18.72 -6.38
CA GLN A 3 10.46 17.27 -6.33
C GLN A 3 11.26 16.74 -5.16
N LEU A 4 10.90 15.56 -4.68
CA LEU A 4 11.62 14.89 -3.60
C LEU A 4 11.81 13.44 -4.05
N GLN A 5 12.95 13.16 -4.66
CA GLN A 5 13.24 11.83 -5.15
C GLN A 5 13.82 10.93 -4.07
N GLN A 6 13.27 9.72 -3.95
CA GLN A 6 13.75 8.75 -2.99
C GLN A 6 13.88 7.39 -3.64
N PRO A 7 14.93 6.63 -3.29
CA PRO A 7 15.20 5.29 -3.80
C PRO A 7 13.94 4.49 -3.55
N GLY A 8 13.48 3.72 -4.54
CA GLY A 8 12.27 2.94 -4.34
C GLY A 8 12.36 1.98 -3.16
N ALA A 9 13.36 1.12 -3.13
CA ALA A 9 13.47 0.19 -2.01
C ALA A 9 14.90 -0.24 -1.74
N GLU A 10 15.13 -0.73 -0.52
CA GLU A 10 16.45 -1.19 -0.14
C GLU A 10 16.30 -2.45 0.71
N LEU A 11 17.16 -3.42 0.47
CA LEU A 11 17.12 -4.67 1.22
C LEU A 11 18.37 -4.68 2.08
N VAL A 12 18.19 -5.03 3.36
CA VAL A 12 19.29 -5.07 4.31
C VAL A 12 19.07 -6.15 5.38
N LYS A 13 20.18 -6.68 5.91
CA LYS A 13 20.12 -7.73 6.92
C LYS A 13 19.95 -7.18 8.31
N PRO A 14 19.14 -7.85 9.13
CA PRO A 14 18.89 -7.43 10.51
C PRO A 14 20.20 -7.19 11.22
N GLY A 15 20.33 -6.06 11.90
CA GLY A 15 21.56 -5.75 12.62
C GLY A 15 22.47 -4.79 11.89
N ALA A 16 22.11 -4.43 10.67
CA ALA A 16 22.90 -3.50 9.88
C ALA A 16 22.33 -2.10 10.03
N SER A 17 22.84 -1.18 9.24
CA SER A 17 22.37 0.21 9.29
C SER A 17 22.39 0.77 7.89
N VAL A 18 21.26 1.35 7.47
CA VAL A 18 21.15 1.94 6.14
C VAL A 18 21.13 3.46 6.26
N LYS A 19 21.40 4.13 5.14
CA LYS A 19 21.38 5.58 5.06
C LYS A 19 20.49 5.96 3.86
N LEU A 20 19.21 6.21 4.15
CA LEU A 20 18.23 6.57 3.13
C LEU A 20 18.42 8.00 2.60
N SER A 21 17.99 8.27 1.37
CA SER A 21 18.18 9.61 0.82
C SER A 21 16.92 10.29 0.30
N CYS A 22 16.98 11.62 0.22
CA CYS A 22 15.88 12.45 -0.24
C CYS A 22 16.47 13.63 -1.00
N LYS A 23 16.60 13.47 -2.32
CA LYS A 23 17.14 14.54 -3.16
C LYS A 23 16.06 15.58 -3.41
N ALA A 24 16.41 16.84 -3.20
CA ALA A 24 15.49 17.94 -3.40
C ALA A 24 15.90 18.76 -4.60
N SER A 25 14.92 19.20 -5.37
CA SER A 25 15.17 20.04 -6.55
C SER A 25 13.89 20.83 -6.73
N GLY A 26 13.98 22.01 -7.35
CA GLY A 26 12.77 22.80 -7.56
C GLY A 26 12.69 24.03 -6.68
N TYR A 27 13.07 23.91 -5.42
CA TYR A 27 13.01 25.04 -4.50
C TYR A 27 14.35 25.29 -3.82
N THR A 28 14.43 26.36 -3.04
CA THR A 28 15.67 26.67 -2.34
C THR A 28 15.73 25.70 -1.16
N PHE A 29 16.59 24.68 -1.28
CA PHE A 29 16.71 23.64 -0.27
C PHE A 29 16.73 24.09 1.20
N THR A 30 17.51 25.13 1.50
CA THR A 30 17.65 25.59 2.88
C THR A 30 16.61 26.53 3.45
N SER A 31 15.45 26.65 2.83
CA SER A 31 14.43 27.54 3.39
C SER A 31 13.17 26.77 3.71
N TYR A 32 13.32 25.46 3.81
CA TYR A 32 12.23 24.55 4.13
C TYR A 32 12.70 23.44 5.03
N TRP A 33 11.93 23.20 6.08
CA TRP A 33 12.25 22.15 7.02
C TRP A 33 11.97 20.81 6.31
N MET A 34 12.65 19.75 6.72
CA MET A 34 12.41 18.45 6.10
C MET A 34 12.01 17.47 7.21
N HIS A 35 11.05 16.61 6.92
CA HIS A 35 10.61 15.64 7.89
C HIS A 35 10.72 14.22 7.38
N TRP A 36 10.73 13.26 8.30
CA TRP A 36 10.80 11.86 7.93
C TRP A 36 9.68 11.12 8.66
N VAL A 37 8.88 10.41 7.88
CA VAL A 37 7.74 9.66 8.37
C VAL A 37 7.93 8.17 8.11
N LYS A 38 7.44 7.34 9.02
CA LYS A 38 7.54 5.90 8.85
C LYS A 38 6.16 5.26 8.77
N GLN A 39 5.94 4.45 7.74
CA GLN A 39 4.66 3.79 7.58
C GLN A 39 4.79 2.29 7.45
N ARG A 40 3.93 1.59 8.17
CA ARG A 40 3.88 0.13 8.12
C ARG A 40 2.40 -0.18 7.96
N PRO A 41 2.04 -0.92 6.90
CA PRO A 41 0.62 -1.25 6.69
C PRO A 41 0.00 -1.86 7.95
N GLY A 42 -1.19 -1.37 8.29
CA GLY A 42 -1.88 -1.83 9.47
C GLY A 42 -1.69 -0.83 10.59
N ARG A 43 -0.49 -0.26 10.66
CA ARG A 43 -0.17 0.71 11.70
C ARG A 43 -0.46 2.18 11.40
N GLY A 44 -0.30 2.59 10.15
CA GLY A 44 -0.53 3.99 9.84
C GLY A 44 0.80 4.72 9.84
N LEU A 45 0.79 5.99 10.21
CA LEU A 45 2.03 6.74 10.18
C LEU A 45 2.61 7.19 11.53
N GLU A 46 3.93 7.31 11.56
CA GLU A 46 4.67 7.75 12.73
C GLU A 46 5.66 8.84 12.33
N TRP A 47 5.76 9.89 13.13
CA TRP A 47 6.69 10.97 12.84
C TRP A 47 8.05 10.59 13.43
N ILE A 48 9.10 10.60 12.61
CA ILE A 48 10.44 10.25 13.09
C ILE A 48 11.14 11.48 13.65
N GLY A 49 11.08 12.58 12.90
CA GLY A 49 11.71 13.82 13.30
C GLY A 49 11.87 14.80 12.16
N ARG A 50 12.58 15.89 12.39
CA ARG A 50 12.80 16.90 11.35
C ARG A 50 14.15 17.58 11.46
N ILE A 51 14.73 17.92 10.32
CA ILE A 51 16.00 18.61 10.32
C ILE A 51 15.82 19.94 9.62
N ASP A 52 16.51 20.95 10.11
CA ASP A 52 16.44 22.28 9.52
C ASP A 52 17.67 22.46 8.64
N PRO A 53 17.52 22.21 7.33
CA PRO A 53 18.59 22.33 6.34
C PRO A 53 19.51 23.51 6.49
N ASN A 54 18.98 24.65 6.97
CA ASN A 54 19.83 25.83 7.13
C ASN A 54 20.73 25.75 8.35
N SER A 55 20.20 25.30 9.48
CA SER A 55 21.00 25.19 10.70
C SER A 55 21.58 23.79 10.92
N GLY A 56 20.90 22.78 10.43
CA GLY A 56 21.35 21.43 10.66
C GLY A 56 20.58 21.11 11.93
N GLY A 57 19.86 22.16 12.37
CA GLY A 57 19.01 22.11 13.55
C GLY A 57 18.09 20.93 13.39
N THR A 58 18.16 20.08 14.40
CA THR A 58 17.49 18.80 14.40
C THR A 58 16.50 18.59 15.53
N ALA A 59 15.47 17.78 15.30
CA ALA A 59 14.49 17.55 16.34
C ALA A 59 13.90 16.13 16.18
N TYR A 60 14.03 15.25 17.19
CA TYR A 60 13.53 13.89 17.06
C TYR A 60 12.31 13.49 17.88
N ASN A 61 11.72 12.37 17.49
CA ASN A 61 10.60 11.80 18.20
C ASN A 61 11.37 10.89 19.16
N GLU A 62 11.21 11.11 20.45
CA GLU A 62 11.93 10.32 21.48
C GLU A 62 12.04 8.84 21.13
N LYS A 63 10.96 8.27 20.60
CA LYS A 63 10.94 6.86 20.25
C LYS A 63 11.86 6.53 19.07
N PHE A 64 12.49 7.55 18.48
CA PHE A 64 13.39 7.35 17.34
C PHE A 64 14.78 8.00 17.52
N LYS A 65 15.03 8.63 18.66
CA LYS A 65 16.33 9.27 18.81
C LYS A 65 17.57 8.41 18.91
N SER A 66 17.45 7.20 19.45
CA SER A 66 18.62 6.33 19.54
C SER A 66 18.62 5.31 18.38
N LYS A 67 17.77 5.57 17.38
CA LYS A 67 17.59 4.73 16.20
C LYS A 67 17.75 5.49 14.87
N ALA A 68 17.46 6.79 14.85
CA ALA A 68 17.60 7.55 13.59
C ALA A 68 18.47 8.77 13.72
N THR A 69 19.21 9.09 12.67
CA THR A 69 20.08 10.26 12.66
C THR A 69 19.82 11.03 11.38
N LEU A 70 19.21 12.21 11.49
CA LEU A 70 18.93 13.01 10.32
C LEU A 70 20.07 13.99 9.99
N THR A 71 20.28 14.21 8.70
CA THR A 71 21.31 15.12 8.22
C THR A 71 21.03 15.56 6.77
N VAL A 72 21.83 16.49 6.27
CA VAL A 72 21.69 17.01 4.92
C VAL A 72 23.05 17.43 4.36
N ASP A 73 23.14 17.50 3.04
CA ASP A 73 24.36 17.94 2.37
C ASP A 73 23.88 19.10 1.50
N LYS A 74 24.05 20.31 2.02
CA LYS A 74 23.58 21.51 1.34
C LYS A 74 23.93 21.65 -0.14
N PRO A 75 25.21 21.42 -0.52
CA PRO A 75 25.59 21.55 -1.93
C PRO A 75 24.75 20.70 -2.88
N SER A 76 24.50 19.44 -2.50
CA SER A 76 23.75 18.53 -3.35
C SER A 76 22.23 18.52 -3.12
N SER A 77 21.78 19.36 -2.18
CA SER A 77 20.36 19.48 -1.86
C SER A 77 19.65 18.16 -1.57
N THR A 78 20.26 17.29 -0.79
CA THR A 78 19.55 16.06 -0.50
C THR A 78 19.54 15.89 1.02
N ALA A 79 18.55 15.17 1.51
CA ALA A 79 18.42 14.95 2.92
C ALA A 79 18.62 13.47 3.17
N TYR A 80 19.22 13.15 4.31
CA TYR A 80 19.50 11.77 4.64
C TYR A 80 18.95 11.36 5.99
N MET A 81 18.72 10.05 6.10
CA MET A 81 18.30 9.45 7.35
C MET A 81 18.97 8.10 7.49
N GLN A 82 19.85 8.02 8.48
CA GLN A 82 20.60 6.82 8.80
C GLN A 82 19.88 6.04 9.90
N LEU A 83 19.43 4.81 9.60
CA LEU A 83 18.76 3.97 10.60
C LEU A 83 19.78 2.96 11.08
N SER A 84 19.85 2.73 12.39
CA SER A 84 20.85 1.80 12.94
C SER A 84 20.32 0.50 13.54
N SER A 85 21.25 -0.44 13.74
CA SER A 85 20.95 -1.74 14.32
C SER A 85 19.54 -2.15 13.93
N LEU A 86 19.39 -2.48 12.64
CA LEU A 86 18.12 -2.86 12.07
C LEU A 86 17.48 -4.16 12.56
N THR A 87 16.16 -4.13 12.72
CA THR A 87 15.40 -5.30 13.15
C THR A 87 14.18 -5.45 12.25
N SER A 88 13.38 -6.47 12.54
CA SER A 88 12.17 -6.75 11.78
C SER A 88 11.26 -5.53 11.81
N GLU A 89 11.00 -5.06 13.02
CA GLU A 89 10.15 -3.90 13.29
C GLU A 89 10.44 -2.68 12.41
N ASP A 90 11.67 -2.59 11.89
CA ASP A 90 12.06 -1.45 11.05
C ASP A 90 11.82 -1.66 9.57
N SER A 91 11.08 -2.73 9.23
CA SER A 91 10.75 -3.01 7.84
C SER A 91 9.56 -2.10 7.58
N ALA A 92 9.71 -1.16 6.64
CA ALA A 92 8.64 -0.22 6.32
C ALA A 92 8.97 0.77 5.19
N VAL A 93 8.00 1.63 4.88
CA VAL A 93 8.19 2.66 3.86
C VAL A 93 8.57 3.86 4.69
N TYR A 94 9.58 4.61 4.24
CA TYR A 94 10.05 5.78 4.95
C TYR A 94 10.00 6.95 4.01
N TYR A 95 9.15 7.92 4.36
CA TYR A 95 8.93 9.11 3.54
C TYR A 95 9.68 10.33 4.00
N CYS A 96 10.01 11.21 3.07
CA CYS A 96 10.65 12.43 3.44
C CYS A 96 9.63 13.48 3.02
N ALA A 97 9.27 14.35 3.95
CA ALA A 97 8.26 15.35 3.67
C ALA A 97 8.70 16.77 3.96
N ARG A 98 8.66 17.60 2.92
CA ARG A 98 9.05 19.01 3.01
C ARG A 98 8.04 19.77 3.87
N TYR A 99 8.54 20.65 4.74
CA TYR A 99 7.69 21.38 5.66
C TYR A 99 7.78 22.88 5.52
N ASP A 100 6.63 23.52 5.61
CA ASP A 100 6.56 24.97 5.48
C ASP A 100 6.43 25.69 6.80
N TYR A 101 7.26 26.71 7.01
CA TYR A 101 7.15 27.47 8.23
C TYR A 101 6.96 28.95 7.97
N TYR A 102 6.11 29.49 8.83
CA TYR A 102 5.64 30.85 8.87
C TYR A 102 5.15 31.53 7.62
N GLY A 103 4.01 32.13 7.91
CA GLY A 103 3.10 32.78 7.03
C GLY A 103 2.21 31.84 7.84
N GLY A 104 2.48 30.54 7.67
CA GLY A 104 1.78 29.49 8.39
C GLY A 104 2.65 28.23 8.50
N SER A 105 2.02 27.08 8.68
CA SER A 105 2.74 25.79 8.75
C SER A 105 2.17 24.84 7.70
N TYR A 106 3.06 24.28 6.86
CA TYR A 106 2.61 23.35 5.83
C TYR A 106 3.50 22.10 5.73
N PHE A 107 2.87 20.99 5.35
CA PHE A 107 3.56 19.73 5.10
C PHE A 107 3.17 19.57 3.63
N ASP A 108 3.66 20.44 2.75
CA ASP A 108 3.27 20.38 1.36
C ASP A 108 3.73 19.19 0.51
N TYR A 109 5.03 19.09 0.24
CA TYR A 109 5.53 18.03 -0.62
C TYR A 109 6.14 16.78 -0.01
N TRP A 110 5.85 15.65 -0.63
CA TRP A 110 6.34 14.36 -0.17
C TRP A 110 7.11 13.60 -1.22
N GLY A 111 8.18 12.93 -0.79
CA GLY A 111 8.97 12.12 -1.67
C GLY A 111 8.10 10.91 -1.78
N GLY A 112 8.39 9.98 -2.68
CA GLY A 112 7.44 8.90 -2.76
C GLY A 112 7.68 7.51 -2.24
N GLN A 113 8.75 7.24 -1.53
CA GLN A 113 8.89 5.85 -1.20
C GLN A 113 9.87 5.54 -0.13
N THR A 114 10.59 4.53 -0.59
CA THR A 114 11.64 3.78 0.00
C THR A 114 11.10 2.88 1.04
N THR A 115 10.68 1.73 0.56
CA THR A 115 10.18 0.73 1.44
C THR A 115 11.48 -0.02 1.78
N LEU A 116 11.72 -0.17 3.07
CA LEU A 116 12.90 -0.85 3.56
C LEU A 116 12.51 -2.24 4.06
N THR A 117 13.22 -3.25 3.60
CA THR A 117 12.93 -4.60 4.07
C THR A 117 14.13 -5.04 4.89
N VAL A 118 13.87 -5.42 6.14
CA VAL A 118 14.94 -5.91 6.99
C VAL A 118 14.68 -7.40 7.23
N SER A 119 15.38 -8.26 6.49
CA SER A 119 15.19 -9.70 6.66
C SER A 119 16.52 -10.43 6.63
N SER A 120 16.58 -11.58 7.30
CA SER A 120 17.80 -12.37 7.33
C SER A 120 17.59 -13.61 6.50
N ALA A 121 16.69 -13.52 5.52
CA ALA A 121 16.34 -14.63 4.63
C ALA A 121 17.14 -14.65 3.33
N LYS A 122 17.57 -15.84 2.92
CA LYS A 122 18.35 -15.99 1.68
C LYS A 122 17.47 -15.92 0.45
N THR A 123 18.06 -15.54 -0.68
CA THR A 123 17.32 -15.46 -1.94
C THR A 123 16.69 -16.82 -2.21
N THR A 124 15.53 -16.79 -2.86
CA THR A 124 14.82 -18.01 -3.19
C THR A 124 14.12 -17.81 -4.53
N PRO A 125 14.34 -18.73 -5.49
CA PRO A 125 13.70 -18.63 -6.81
C PRO A 125 12.22 -18.96 -6.68
N PRO A 126 11.42 -18.46 -7.61
CA PRO A 126 10.00 -18.81 -7.47
C PRO A 126 9.70 -20.13 -8.12
N SER A 127 8.49 -20.61 -7.89
CA SER A 127 8.05 -21.85 -8.50
C SER A 127 6.84 -21.36 -9.24
N VAL A 128 6.73 -21.78 -10.49
CA VAL A 128 5.65 -21.34 -11.34
C VAL A 128 4.77 -22.51 -11.75
N TYR A 129 3.48 -22.39 -11.43
CA TYR A 129 2.52 -23.42 -11.75
C TYR A 129 1.43 -22.76 -12.57
N PRO A 130 0.94 -23.46 -13.59
CA PRO A 130 -0.11 -22.93 -14.45
C PRO A 130 -1.50 -23.07 -13.86
N LEU A 131 -2.22 -21.96 -13.79
CA LEU A 131 -3.58 -21.97 -13.27
C LEU A 131 -4.52 -22.06 -14.47
N ALA A 132 -5.18 -23.21 -14.59
CA ALA A 132 -6.14 -23.44 -15.66
C ALA A 132 -7.45 -23.78 -15.00
N PRO A 133 -8.56 -23.50 -15.67
CA PRO A 133 -9.90 -23.79 -15.13
C PRO A 133 -10.18 -25.28 -15.09
N GLY A 134 -11.17 -25.69 -14.29
CA GLY A 134 -11.54 -27.09 -14.22
C GLY A 134 -12.76 -27.31 -15.10
N SER A 135 -13.79 -26.50 -14.85
CA SER A 135 -15.07 -26.48 -15.57
C SER A 135 -16.07 -27.57 -15.23
N SER A 141 -13.30 -11.44 -23.34
CA SER A 141 -13.76 -11.88 -22.03
C SER A 141 -14.56 -13.17 -22.11
N MET A 142 -13.88 -14.31 -22.17
CA MET A 142 -14.54 -15.60 -22.23
C MET A 142 -13.93 -16.62 -21.26
N VAL A 143 -12.60 -16.70 -21.24
CA VAL A 143 -11.93 -17.65 -20.36
C VAL A 143 -10.69 -17.04 -19.70
N THR A 144 -10.59 -17.22 -18.39
CA THR A 144 -9.47 -16.70 -17.62
C THR A 144 -8.44 -17.79 -17.29
N LEU A 145 -7.16 -17.46 -17.44
CA LEU A 145 -6.07 -18.39 -17.16
C LEU A 145 -5.15 -17.80 -16.10
N GLY A 146 -4.05 -18.48 -15.78
CA GLY A 146 -3.17 -17.91 -14.76
C GLY A 146 -1.84 -18.55 -14.43
N CYS A 147 -1.03 -17.79 -13.70
CA CYS A 147 0.28 -18.25 -13.27
C CYS A 147 0.52 -17.92 -11.83
N LEU A 148 0.77 -18.97 -11.05
CA LEU A 148 1.05 -18.86 -9.64
C LEU A 148 2.58 -18.80 -9.47
N VAL A 149 3.05 -17.72 -8.88
CA VAL A 149 4.47 -17.55 -8.63
C VAL A 149 4.60 -17.69 -7.11
N LYS A 150 4.89 -18.93 -6.70
CA LYS A 150 4.99 -19.29 -5.29
C LYS A 150 6.38 -19.32 -4.67
N GLY A 151 6.45 -18.81 -3.45
CA GLY A 151 7.69 -18.79 -2.67
C GLY A 151 9.02 -18.24 -3.17
N TYR A 152 9.08 -16.94 -3.48
CA TYR A 152 10.34 -16.35 -3.94
C TYR A 152 10.76 -15.28 -2.93
N PHE A 153 12.05 -15.00 -2.87
CA PHE A 153 12.58 -14.01 -1.94
C PHE A 153 13.87 -13.46 -2.51
N PRO A 154 14.04 -12.14 -2.51
CA PRO A 154 13.17 -11.06 -2.06
C PRO A 154 12.65 -10.28 -3.27
N GLU A 155 11.59 -9.50 -3.08
CA GLU A 155 11.01 -8.74 -4.19
C GLU A 155 12.04 -8.01 -5.05
N PRO A 156 11.69 -7.70 -6.31
CA PRO A 156 10.40 -7.97 -6.96
C PRO A 156 10.46 -9.23 -7.82
N VAL A 157 9.48 -9.34 -8.72
CA VAL A 157 9.37 -10.39 -9.73
C VAL A 157 8.66 -9.68 -10.87
N THR A 158 8.88 -10.17 -12.08
CA THR A 158 8.30 -9.59 -13.28
C THR A 158 7.45 -10.65 -13.97
N VAL A 159 6.16 -10.37 -14.19
CA VAL A 159 5.31 -11.32 -14.91
C VAL A 159 4.83 -10.64 -16.17
N VAL A 160 5.01 -11.34 -17.28
CA VAL A 160 4.60 -10.85 -18.58
C VAL A 160 3.79 -11.99 -19.16
N TRP A 161 2.96 -11.70 -20.16
CA TRP A 161 2.17 -12.75 -20.77
C TRP A 161 2.41 -12.72 -22.25
N ASN A 162 2.69 -13.87 -22.81
CA ASN A 162 3.00 -13.99 -24.23
C ASN A 162 3.96 -12.88 -24.70
N SER A 163 5.05 -12.76 -23.95
CA SER A 163 6.14 -11.82 -24.20
C SER A 163 5.74 -10.39 -24.57
N GLY A 164 4.51 -10.02 -24.21
CA GLY A 164 4.01 -8.70 -24.51
C GLY A 164 2.86 -8.73 -25.49
N SER A 165 2.74 -9.83 -26.23
CA SER A 165 1.67 -9.98 -27.20
C SER A 165 0.28 -9.79 -26.59
N LEU A 166 0.20 -9.89 -25.26
CA LEU A 166 -1.07 -9.75 -24.56
C LEU A 166 -1.10 -8.50 -23.68
N SER A 167 -2.12 -7.67 -23.88
CA SER A 167 -2.27 -6.41 -23.15
C SER A 167 -3.51 -6.36 -22.27
N SER A 168 -4.56 -7.03 -22.72
CA SER A 168 -5.84 -7.00 -22.03
C SER A 168 -6.24 -8.29 -21.31
N GLY A 169 -6.77 -8.10 -20.10
CA GLY A 169 -7.21 -9.22 -19.27
C GLY A 169 -6.17 -9.51 -18.20
N VAL A 170 -4.93 -9.20 -18.53
CA VAL A 170 -3.81 -9.42 -17.62
C VAL A 170 -3.91 -8.60 -16.33
N HIS A 171 -3.94 -9.29 -15.20
CA HIS A 171 -4.02 -8.66 -13.88
C HIS A 171 -3.00 -9.25 -12.92
N THR A 172 -1.85 -8.62 -12.78
CA THR A 172 -0.84 -9.13 -11.85
C THR A 172 -1.18 -8.58 -10.47
N PHE A 173 -1.27 -9.47 -9.50
CA PHE A 173 -1.62 -9.07 -8.14
C PHE A 173 -0.41 -8.80 -7.26
N PRO A 174 -0.62 -8.09 -6.14
CA PRO A 174 0.54 -7.84 -5.28
C PRO A 174 0.87 -9.12 -4.52
N ALA A 175 2.07 -9.19 -3.97
CA ALA A 175 2.53 -10.39 -3.27
C ALA A 175 2.10 -10.53 -1.82
N VAL A 176 1.90 -11.76 -1.37
CA VAL A 176 1.55 -12.00 0.01
C VAL A 176 2.79 -12.60 0.65
N LEU A 177 2.90 -12.44 1.96
CA LEU A 177 4.08 -12.90 2.66
C LEU A 177 3.82 -13.89 3.78
N GLN A 178 3.75 -15.16 3.44
CA GLN A 178 3.57 -16.21 4.44
C GLN A 178 4.93 -16.88 4.60
N GLN A 179 5.29 -17.21 5.84
CA GLN A 179 6.57 -17.82 6.21
C GLN A 179 7.79 -17.09 5.66
N GLY A 180 7.81 -15.77 5.85
CA GLY A 180 8.91 -14.98 5.37
C GLY A 180 9.24 -15.42 3.95
N LEU A 181 8.24 -15.41 3.09
CA LEU A 181 8.39 -15.82 1.69
C LEU A 181 7.20 -15.33 0.88
N TYR A 182 7.48 -14.63 -0.22
CA TYR A 182 6.44 -14.06 -1.07
C TYR A 182 5.69 -15.05 -1.97
N THR A 183 4.74 -14.51 -2.72
CA THR A 183 3.90 -15.25 -3.66
C THR A 183 2.91 -14.27 -4.27
N LEU A 184 2.65 -14.42 -5.55
CA LEU A 184 1.66 -13.59 -6.23
C LEU A 184 1.14 -14.44 -7.36
N SER A 185 0.29 -13.84 -8.19
CA SER A 185 -0.26 -14.57 -9.32
C SER A 185 -0.69 -13.53 -10.31
N SER A 186 -0.66 -13.87 -11.58
CA SER A 186 -1.08 -12.94 -12.61
C SER A 186 -2.12 -13.63 -13.43
N SER A 187 -3.16 -12.89 -13.79
CA SER A 187 -4.25 -13.45 -14.57
C SER A 187 -4.40 -12.77 -15.93
N VAL A 188 -4.94 -13.53 -16.89
CA VAL A 188 -5.20 -12.99 -18.22
C VAL A 188 -6.42 -13.72 -18.79
N THR A 189 -7.41 -12.93 -19.20
CA THR A 189 -8.65 -13.47 -19.75
C THR A 189 -8.63 -13.35 -21.28
N VAL A 190 -9.12 -14.36 -21.97
CA VAL A 190 -9.16 -14.34 -23.43
C VAL A 190 -10.43 -14.91 -24.03
N PRO A 191 -10.68 -14.63 -25.32
CA PRO A 191 -11.86 -15.14 -26.00
C PRO A 191 -11.78 -16.66 -26.00
N SER A 192 -12.91 -17.33 -25.76
CA SER A 192 -12.92 -18.78 -25.73
C SER A 192 -12.32 -19.34 -27.01
N SER A 193 -12.11 -18.45 -27.99
CA SER A 193 -11.53 -18.84 -29.28
C SER A 193 -10.04 -19.14 -29.08
N PRO A 194 -9.23 -18.13 -28.77
CA PRO A 194 -7.80 -18.40 -28.57
C PRO A 194 -7.50 -19.64 -27.72
N TRP A 195 -8.40 -20.02 -26.82
CA TRP A 195 -8.12 -21.17 -25.98
C TRP A 195 -9.06 -22.35 -26.18
N PRO A 196 -8.50 -23.56 -26.35
CA PRO A 196 -7.07 -23.87 -26.38
C PRO A 196 -6.37 -23.68 -27.74
N SER A 197 -7.13 -23.15 -28.71
CA SER A 197 -6.61 -22.92 -30.07
C SER A 197 -5.21 -22.34 -30.01
N GLU A 198 -5.10 -21.04 -29.79
CA GLU A 198 -3.79 -20.40 -29.65
C GLU A 198 -3.48 -20.68 -28.18
N THR A 199 -2.29 -20.35 -27.70
CA THR A 199 -2.04 -20.57 -26.29
C THR A 199 -1.26 -19.44 -25.67
N VAL A 200 -1.55 -19.25 -24.39
CA VAL A 200 -0.97 -18.21 -23.58
C VAL A 200 0.19 -18.79 -22.77
N THR A 201 1.17 -17.95 -22.48
CA THR A 201 2.33 -18.36 -21.70
C THR A 201 2.81 -17.18 -20.88
N CYS A 202 2.89 -17.34 -19.57
CA CYS A 202 3.35 -16.24 -18.74
C CYS A 202 4.87 -16.28 -18.67
N ASN A 203 5.46 -15.12 -18.47
CA ASN A 203 6.91 -15.00 -18.41
C ASN A 203 7.36 -14.46 -17.07
N VAL A 204 7.55 -15.37 -16.12
CA VAL A 204 7.97 -14.99 -14.77
C VAL A 204 9.47 -14.76 -14.76
N ALA A 205 9.89 -13.71 -14.08
CA ALA A 205 11.30 -13.38 -13.98
C ALA A 205 11.60 -12.89 -12.57
N HIS A 206 12.61 -13.50 -11.95
CA HIS A 206 13.04 -13.13 -10.62
C HIS A 206 14.52 -12.76 -10.73
N PRO A 207 14.82 -11.46 -10.84
CA PRO A 207 16.17 -10.90 -10.97
C PRO A 207 17.19 -11.30 -9.94
N ALA A 208 16.81 -11.27 -8.66
CA ALA A 208 17.75 -11.62 -7.60
C ALA A 208 18.27 -13.04 -7.69
N SER A 209 17.39 -13.95 -8.10
CA SER A 209 17.75 -15.36 -8.23
C SER A 209 18.19 -15.69 -9.64
N SER A 210 18.32 -14.66 -10.48
CA SER A 210 18.73 -14.83 -11.87
C SER A 210 17.95 -15.98 -12.50
N THR A 211 16.64 -15.93 -12.37
CA THR A 211 15.77 -16.99 -12.89
C THR A 211 14.67 -16.45 -13.81
N ALA A 212 14.35 -17.21 -14.84
CA ALA A 212 13.30 -16.84 -15.78
C ALA A 212 12.62 -18.11 -16.24
N VAL A 213 11.34 -18.24 -15.91
CA VAL A 213 10.55 -19.42 -16.25
C VAL A 213 9.40 -19.06 -17.18
N ASP A 214 9.30 -19.77 -18.29
CA ASP A 214 8.21 -19.52 -19.23
C ASP A 214 7.32 -20.77 -19.22
N LYS A 215 6.08 -20.61 -18.77
CA LYS A 215 5.16 -21.73 -18.70
C LYS A 215 3.96 -21.56 -19.60
N ALA A 216 3.63 -22.59 -20.36
CA ALA A 216 2.47 -22.56 -21.25
C ALA A 216 1.31 -23.22 -20.51
N ILE A 217 0.13 -22.60 -20.54
CA ILE A 217 -1.03 -23.15 -19.84
C ILE A 217 -1.77 -24.18 -20.66
N VAL A 218 -1.93 -25.38 -20.09
CA VAL A 218 -2.57 -26.50 -20.77
C VAL A 218 -3.92 -26.98 -20.22
N PRO A 219 -4.70 -27.70 -21.04
CA PRO A 219 -6.02 -28.24 -20.70
C PRO A 219 -6.21 -29.02 -19.42
N ARG A 220 -7.37 -28.74 -18.82
CA ARG A 220 -7.84 -29.32 -17.58
C ARG A 220 -9.19 -28.61 -17.45
N GLN B 1 0.88 8.11 24.94
CA GLN B 1 -0.47 7.65 24.47
C GLN B 1 -1.29 8.85 24.12
N ALA B 2 -0.73 9.84 23.46
CA ALA B 2 -1.65 10.92 23.13
C ALA B 2 -2.10 10.49 21.75
N VAL B 3 -3.16 9.70 21.62
CA VAL B 3 -3.54 9.27 20.26
C VAL B 3 -4.56 10.13 19.50
N VAL B 4 -4.38 10.17 18.19
CA VAL B 4 -5.27 10.93 17.30
C VAL B 4 -6.16 9.99 16.51
N THR B 5 -7.45 10.29 16.42
CA THR B 5 -8.36 9.41 15.68
C THR B 5 -9.22 10.07 14.60
N GLN B 6 -9.59 9.25 13.61
CA GLN B 6 -10.39 9.66 12.46
C GLN B 6 -11.39 8.56 12.04
N GLU B 7 -12.29 8.93 11.14
CA GLU B 7 -13.31 8.06 10.58
C GLU B 7 -12.59 7.04 9.72
N SER B 8 -12.89 5.75 9.91
CA SER B 8 -12.27 4.70 9.11
C SER B 8 -12.55 4.92 7.62
N ALA B 9 -13.83 5.06 7.26
CA ALA B 9 -14.22 5.26 5.87
C ALA B 9 -15.51 6.06 5.73
N LEU B 10 -15.61 6.82 4.64
CA LEU B 10 -16.79 7.61 4.34
C LEU B 10 -17.03 7.57 2.85
N THR B 11 -18.28 7.76 2.47
CA THR B 11 -18.64 7.71 1.07
C THR B 11 -19.40 8.94 0.61
N THR B 12 -19.05 9.45 -0.56
CA THR B 12 -19.75 10.60 -1.11
C THR B 12 -19.78 10.57 -2.64
N SER B 13 -20.60 11.42 -3.25
CA SER B 13 -20.72 11.45 -4.71
C SER B 13 -20.10 12.69 -5.30
N PRO B 14 -19.91 12.71 -6.62
CA PRO B 14 -19.32 13.88 -7.29
C PRO B 14 -20.25 15.08 -7.17
N GLY B 15 -19.76 16.16 -6.56
CA GLY B 15 -20.55 17.36 -6.41
C GLY B 15 -20.95 17.66 -4.97
N GLU B 16 -21.07 16.61 -4.16
CA GLU B 16 -21.46 16.80 -2.78
C GLU B 16 -20.33 17.27 -1.91
N THR B 17 -20.69 17.79 -0.74
CA THR B 17 -19.74 18.27 0.24
C THR B 17 -19.55 17.12 1.23
N VAL B 18 -18.34 16.97 1.75
CA VAL B 18 -18.07 15.94 2.72
C VAL B 18 -17.10 16.50 3.74
N THR B 19 -17.23 16.04 4.97
CA THR B 19 -16.36 16.52 6.05
C THR B 19 -15.67 15.37 6.75
N LEU B 20 -14.38 15.50 6.98
CA LEU B 20 -13.65 14.47 7.70
C LEU B 20 -13.25 15.11 9.04
N THR B 21 -13.26 14.34 10.11
CA THR B 21 -12.94 14.92 11.40
C THR B 21 -11.74 14.25 12.08
N CYS B 22 -11.19 14.95 13.07
CA CYS B 22 -10.00 14.48 13.79
C CYS B 22 -10.08 14.66 15.31
N ARG B 23 -10.00 13.57 16.05
CA ARG B 23 -10.05 13.62 17.52
C ARG B 23 -8.69 13.64 18.20
N SER B 24 -8.57 14.42 19.26
CA SER B 24 -7.37 14.47 20.06
C SER B 24 -7.81 13.70 21.29
N SER B 25 -6.98 12.80 21.80
CA SER B 25 -7.35 12.03 23.00
C SER B 25 -7.22 12.88 24.28
N THR B 26 -6.27 13.81 24.27
CA THR B 26 -6.06 14.67 25.42
C THR B 26 -7.31 15.51 25.68
N GLY B 27 -7.96 15.93 24.61
CA GLY B 27 -9.15 16.74 24.74
C GLY B 27 -9.43 17.53 23.48
N ALA B 28 -9.88 18.77 23.64
CA ALA B 28 -10.21 19.59 22.47
C ALA B 28 -9.01 19.85 21.57
N VAL B 29 -9.23 19.69 20.26
CA VAL B 29 -8.18 19.95 19.28
C VAL B 29 -8.16 21.47 19.19
N THR B 30 -7.00 22.07 19.46
CA THR B 30 -6.92 23.51 19.43
C THR B 30 -5.96 23.99 18.36
N THR B 31 -5.83 25.30 18.26
CA THR B 31 -4.94 25.89 17.29
C THR B 31 -3.50 25.52 17.57
N SER B 32 -3.18 25.34 18.85
CA SER B 32 -1.83 25.00 19.28
C SER B 32 -1.40 23.60 18.84
N ASN B 33 -2.26 22.94 18.08
CA ASN B 33 -1.99 21.59 17.56
C ASN B 33 -1.58 21.69 16.09
N TYR B 34 -1.89 22.81 15.46
CA TYR B 34 -1.55 23.02 14.06
C TYR B 34 -2.00 21.86 13.17
N ALA B 35 -3.31 21.60 13.15
CA ALA B 35 -3.82 20.48 12.36
C ALA B 35 -3.32 20.43 10.92
N ASN B 36 -2.80 19.26 10.54
CA ASN B 36 -2.32 19.06 9.19
C ASN B 36 -3.08 17.91 8.54
N TRP B 37 -3.55 18.13 7.32
CA TRP B 37 -4.28 17.12 6.57
C TRP B 37 -3.44 16.70 5.37
N VAL B 38 -3.28 15.39 5.21
CA VAL B 38 -2.47 14.83 4.12
C VAL B 38 -3.25 13.82 3.29
N GLN B 39 -3.05 13.87 1.97
CA GLN B 39 -3.73 12.95 1.07
C GLN B 39 -2.79 11.88 0.57
N GLU B 40 -3.26 10.64 0.55
CA GLU B 40 -2.47 9.54 0.01
C GLU B 40 -3.29 8.86 -1.09
N LYS B 41 -2.82 9.00 -2.32
CA LYS B 41 -3.46 8.38 -3.47
C LYS B 41 -2.74 7.07 -3.77
N PRO B 42 -3.35 6.20 -4.60
CA PRO B 42 -2.83 4.90 -5.00
C PRO B 42 -1.34 4.90 -5.38
N ASP B 43 -0.62 3.93 -4.84
CA ASP B 43 0.81 3.77 -5.05
C ASP B 43 1.58 4.88 -4.30
N HIS B 44 1.38 4.90 -2.97
CA HIS B 44 2.02 5.85 -2.06
C HIS B 44 2.37 7.24 -2.57
N LEU B 45 1.39 8.01 -2.99
CA LEU B 45 1.65 9.38 -3.43
C LEU B 45 1.01 10.28 -2.40
N PHE B 46 1.84 10.94 -1.60
CA PHE B 46 1.36 11.82 -0.56
C PHE B 46 1.41 13.29 -0.97
N THR B 47 0.45 14.06 -0.47
CA THR B 47 0.41 15.50 -0.71
C THR B 47 -0.32 16.11 0.47
N GLY B 48 0.28 17.16 1.04
CA GLY B 48 -0.34 17.83 2.15
C GLY B 48 -1.27 18.87 1.57
N LEU B 49 -2.49 18.92 2.10
CA LEU B 49 -3.51 19.84 1.61
C LEU B 49 -3.69 21.05 2.53
N ILE B 50 -3.89 20.78 3.81
CA ILE B 50 -4.09 21.84 4.79
C ILE B 50 -3.12 21.73 5.96
N GLY B 51 -2.52 22.85 6.32
CA GLY B 51 -1.59 22.87 7.44
C GLY B 51 -1.96 24.02 8.38
N GLY B 52 -1.68 23.86 9.67
CA GLY B 52 -1.98 24.92 10.64
C GLY B 52 -3.47 25.15 10.83
N THR B 53 -4.23 24.07 10.90
CA THR B 53 -5.67 24.13 11.11
C THR B 53 -6.45 24.52 9.87
N ASN B 54 -6.11 25.61 9.20
CA ASN B 54 -6.85 26.00 7.99
C ASN B 54 -6.08 26.63 6.83
N ASN B 55 -4.75 26.57 6.86
CA ASN B 55 -3.98 27.14 5.78
C ASN B 55 -3.88 26.16 4.61
N ARG B 56 -4.37 26.58 3.46
CA ARG B 56 -4.33 25.73 2.29
C ARG B 56 -2.95 25.78 1.69
N ALA B 57 -2.34 24.60 1.52
CA ALA B 57 -1.02 24.53 0.94
C ALA B 57 -1.11 25.07 -0.47
N PRO B 58 -0.19 25.97 -0.85
CA PRO B 58 -0.21 26.53 -2.21
C PRO B 58 -0.38 25.46 -3.28
N GLY B 59 -1.12 25.81 -4.33
CA GLY B 59 -1.34 24.87 -5.42
C GLY B 59 -2.44 23.86 -5.18
N VAL B 60 -3.09 23.93 -4.02
CA VAL B 60 -4.17 22.99 -3.72
C VAL B 60 -5.50 23.59 -4.18
N PRO B 61 -6.38 22.78 -4.80
CA PRO B 61 -7.67 23.30 -5.27
C PRO B 61 -8.43 23.96 -4.12
N ALA B 62 -9.18 25.02 -4.46
CA ALA B 62 -9.96 25.76 -3.47
C ALA B 62 -11.06 24.95 -2.79
N ARG B 63 -11.40 23.78 -3.33
CA ARG B 63 -12.48 22.99 -2.72
C ARG B 63 -12.03 22.30 -1.46
N PHE B 64 -10.80 22.57 -1.04
CA PHE B 64 -10.26 21.99 0.17
C PHE B 64 -10.17 23.08 1.21
N SER B 65 -10.75 22.82 2.38
CA SER B 65 -10.72 23.79 3.46
C SER B 65 -10.65 23.05 4.79
N GLY B 66 -10.07 23.73 5.78
CA GLY B 66 -9.95 23.14 7.10
C GLY B 66 -10.52 24.06 8.15
N SER B 67 -10.75 23.51 9.34
CA SER B 67 -11.28 24.29 10.45
C SER B 67 -11.35 23.40 11.67
N LEU B 68 -12.13 23.85 12.65
CA LEU B 68 -12.34 23.10 13.87
C LEU B 68 -13.86 22.96 14.00
N ILE B 69 -14.35 21.77 14.35
CA ILE B 69 -15.79 21.55 14.53
C ILE B 69 -15.94 20.87 15.87
N GLY B 70 -16.58 21.55 16.81
CA GLY B 70 -16.72 20.97 18.12
C GLY B 70 -15.29 21.02 18.62
N ASP B 71 -14.85 19.92 19.22
CA ASP B 71 -13.49 19.82 19.74
C ASP B 71 -12.61 18.97 18.82
N LYS B 72 -12.97 19.00 17.52
CA LYS B 72 -12.25 18.26 16.50
C LYS B 72 -11.78 19.15 15.36
N ALA B 73 -10.78 18.69 14.62
CA ALA B 73 -10.27 19.43 13.47
C ALA B 73 -11.02 18.84 12.30
N ALA B 74 -11.35 19.64 11.30
CA ALA B 74 -12.11 19.10 10.18
C ALA B 74 -11.56 19.45 8.79
N LEU B 75 -11.75 18.54 7.84
CA LEU B 75 -11.31 18.77 6.47
C LEU B 75 -12.53 18.82 5.58
N THR B 76 -12.85 20.00 5.09
CA THR B 76 -14.01 20.15 4.23
C THR B 76 -13.63 20.14 2.76
N ILE B 77 -14.23 19.21 2.00
CA ILE B 77 -14.02 19.13 0.56
C ILE B 77 -15.40 19.45 0.01
N THR B 78 -15.54 20.56 -0.70
CA THR B 78 -16.84 20.88 -1.25
C THR B 78 -16.79 20.59 -2.75
N GLY B 79 -17.90 20.20 -3.36
CA GLY B 79 -17.92 19.89 -4.77
C GLY B 79 -16.98 18.72 -5.04
N GLY B 80 -17.30 17.59 -4.41
CA GLY B 80 -16.50 16.37 -4.50
C GLY B 80 -16.13 15.89 -5.88
N GLN B 81 -14.84 15.67 -6.10
CA GLN B 81 -14.36 15.19 -7.38
C GLN B 81 -14.02 13.70 -7.35
N THR B 82 -13.92 13.12 -8.54
CA THR B 82 -13.60 11.71 -8.68
C THR B 82 -12.19 11.41 -8.25
N GLU B 83 -11.24 12.26 -8.65
CA GLU B 83 -9.85 12.04 -8.26
C GLU B 83 -9.69 12.12 -6.74
N ASP B 84 -10.62 12.82 -6.10
CA ASP B 84 -10.61 12.99 -4.66
C ASP B 84 -10.74 11.69 -3.88
N GLU B 85 -11.06 10.59 -4.58
CA GLU B 85 -11.15 9.28 -3.93
C GLU B 85 -9.72 8.94 -3.55
N ALA B 86 -9.46 8.82 -2.25
CA ALA B 86 -8.12 8.53 -1.77
C ALA B 86 -8.29 8.43 -0.28
N ILE B 87 -7.22 8.13 0.44
CA ILE B 87 -7.35 8.07 1.88
C ILE B 87 -6.73 9.36 2.45
N TYR B 88 -7.41 9.97 3.42
CA TYR B 88 -6.95 11.21 4.02
C TYR B 88 -6.44 11.04 5.44
N PHE B 89 -5.24 11.58 5.67
CA PHE B 89 -4.57 11.49 6.96
C PHE B 89 -4.59 12.76 7.77
N CYS B 90 -4.73 12.62 9.08
CA CYS B 90 -4.73 13.77 9.99
C CYS B 90 -3.45 13.81 10.86
N ALA B 91 -2.88 14.99 11.06
CA ALA B 91 -1.68 15.14 11.88
C ALA B 91 -1.78 16.31 12.88
N LEU B 92 -1.54 16.00 14.16
CA LEU B 92 -1.61 17.00 15.23
C LEU B 92 -0.28 17.16 15.90
N TRP B 93 0.01 18.39 16.31
CA TRP B 93 1.26 18.71 16.99
C TRP B 93 1.00 18.83 18.49
N TYR B 94 1.69 17.98 19.26
CA TYR B 94 1.58 17.97 20.72
C TYR B 94 2.86 18.45 21.39
N SER B 95 3.15 19.74 21.27
CA SER B 95 4.31 20.34 21.91
C SER B 95 5.73 20.07 21.35
N ASN B 96 6.06 18.81 21.06
CA ASN B 96 7.41 18.50 20.58
C ASN B 96 7.49 17.37 19.55
N HIS B 97 6.34 16.90 19.09
CA HIS B 97 6.32 15.82 18.10
C HIS B 97 4.93 15.75 17.45
N TRP B 98 4.86 15.18 16.24
CA TRP B 98 3.58 15.05 15.54
C TRP B 98 2.95 13.69 15.80
N VAL B 99 1.63 13.59 15.60
CA VAL B 99 0.92 12.32 15.76
C VAL B 99 -0.18 12.27 14.71
N PHE B 100 -0.18 11.21 13.91
CA PHE B 100 -1.17 11.03 12.85
C PHE B 100 -2.39 10.21 13.31
N GLY B 101 -3.43 10.21 12.49
CA GLY B 101 -4.61 9.43 12.80
C GLY B 101 -4.45 8.18 11.97
N GLY B 102 -5.45 7.30 11.98
CA GLY B 102 -5.35 6.08 11.20
C GLY B 102 -5.65 6.37 9.72
N GLY B 103 -6.33 7.49 9.49
CA GLY B 103 -6.67 7.86 8.13
C GLY B 103 -8.11 7.52 7.81
N THR B 104 -8.73 8.35 6.99
CA THR B 104 -10.10 8.13 6.58
C THR B 104 -10.08 7.73 5.11
N LYS B 105 -10.56 6.52 4.81
CA LYS B 105 -10.59 6.09 3.42
C LYS B 105 -11.86 6.59 2.76
N LEU B 106 -11.71 7.69 2.02
CA LEU B 106 -12.81 8.36 1.31
C LEU B 106 -13.10 7.80 -0.09
N THR B 107 -14.39 7.57 -0.31
CA THR B 107 -14.93 7.03 -1.56
C THR B 107 -15.82 8.06 -2.30
N VAL B 108 -15.42 8.46 -3.50
CA VAL B 108 -16.21 9.39 -4.30
C VAL B 108 -16.78 8.57 -5.42
N LEU B 109 -18.06 8.28 -5.36
CA LEU B 109 -18.67 7.45 -6.39
C LEU B 109 -18.62 8.04 -7.79
N GLY B 110 -17.46 7.98 -8.44
CA GLY B 110 -17.32 8.49 -9.79
C GLY B 110 -17.61 7.51 -10.93
N GLN B 111 -18.10 6.32 -10.64
CA GLN B 111 -18.45 5.35 -11.69
C GLN B 111 -19.55 4.43 -11.16
N PRO B 112 -20.15 3.60 -12.03
CA PRO B 112 -21.22 2.69 -11.60
C PRO B 112 -20.74 1.59 -10.67
N LYS B 113 -21.65 1.03 -9.89
CA LYS B 113 -21.31 -0.07 -8.99
C LYS B 113 -21.18 -1.31 -9.87
N SER B 114 -20.19 -2.14 -9.59
CA SER B 114 -20.04 -3.37 -10.36
C SER B 114 -19.58 -4.48 -9.43
N SER B 115 -20.37 -5.54 -9.36
CA SER B 115 -20.05 -6.68 -8.51
C SER B 115 -18.74 -7.36 -8.95
N PRO B 116 -18.10 -8.09 -8.04
CA PRO B 116 -16.85 -8.76 -8.37
C PRO B 116 -16.92 -9.84 -9.45
N SER B 117 -15.84 -9.97 -10.21
CA SER B 117 -15.73 -10.98 -11.26
C SER B 117 -14.76 -11.99 -10.62
N VAL B 118 -15.33 -13.03 -10.03
CA VAL B 118 -14.54 -14.03 -9.33
C VAL B 118 -14.19 -15.24 -10.18
N THR B 119 -12.98 -15.77 -9.97
CA THR B 119 -12.53 -16.96 -10.67
C THR B 119 -11.80 -17.81 -9.66
N LEU B 120 -12.18 -19.08 -9.56
CA LEU B 120 -11.53 -19.97 -8.62
C LEU B 120 -10.66 -20.98 -9.35
N PHE B 121 -9.38 -20.98 -9.04
CA PHE B 121 -8.50 -21.93 -9.69
C PHE B 121 -8.18 -23.09 -8.75
N PRO B 122 -8.22 -24.33 -9.27
CA PRO B 122 -7.91 -25.46 -8.40
C PRO B 122 -6.40 -25.58 -8.33
N PRO B 123 -5.88 -26.51 -7.51
CA PRO B 123 -4.43 -26.69 -7.40
C PRO B 123 -3.87 -27.34 -8.67
N SER B 124 -2.77 -26.83 -9.16
CA SER B 124 -2.13 -27.41 -10.33
C SER B 124 -1.51 -28.74 -9.89
N SER B 125 -1.48 -29.72 -10.79
CA SER B 125 -0.88 -31.01 -10.46
C SER B 125 0.63 -30.87 -10.27
N GLU B 126 1.23 -29.90 -10.98
CA GLU B 126 2.65 -29.69 -10.82
C GLU B 126 2.95 -29.32 -9.37
N GLU B 127 2.13 -28.43 -8.80
CA GLU B 127 2.36 -28.05 -7.42
C GLU B 127 1.99 -29.22 -6.53
N LEU B 128 0.90 -29.91 -6.90
CA LEU B 128 0.43 -31.08 -6.16
C LEU B 128 1.55 -32.11 -6.03
N ALA B 129 2.28 -32.33 -7.11
CA ALA B 129 3.37 -33.31 -7.09
C ALA B 129 4.47 -32.99 -6.08
N THR B 130 4.43 -31.81 -5.46
CA THR B 130 5.45 -31.44 -4.46
C THR B 130 4.83 -31.56 -3.07
N ASN B 131 3.68 -32.23 -3.01
CA ASN B 131 2.94 -32.47 -1.76
C ASN B 131 2.38 -31.22 -1.11
N THR B 132 1.96 -30.26 -1.91
CA THR B 132 1.36 -29.05 -1.36
C THR B 132 0.33 -28.52 -2.34
N ALA B 133 -0.79 -28.02 -1.80
CA ALA B 133 -1.88 -27.54 -2.63
C ALA B 133 -2.23 -26.09 -2.37
N THR B 134 -2.59 -25.39 -3.44
CA THR B 134 -2.93 -23.99 -3.31
C THR B 134 -4.10 -23.66 -4.21
N LEU B 135 -5.15 -23.10 -3.62
CA LEU B 135 -6.33 -22.70 -4.38
C LEU B 135 -6.13 -21.20 -4.57
N VAL B 136 -6.34 -20.70 -5.79
CA VAL B 136 -6.17 -19.27 -6.08
C VAL B 136 -7.50 -18.69 -6.55
N CYS B 137 -7.92 -17.60 -5.91
CA CYS B 137 -9.20 -16.94 -6.23
C CYS B 137 -9.04 -15.47 -6.65
N THR B 138 -8.94 -15.24 -7.96
CA THR B 138 -8.81 -13.88 -8.48
C THR B 138 -10.15 -13.16 -8.43
N ILE B 139 -10.12 -11.91 -8.01
CA ILE B 139 -11.34 -11.10 -7.88
C ILE B 139 -11.13 -9.74 -8.58
N THR B 140 -11.73 -9.59 -9.75
CA THR B 140 -11.59 -8.35 -10.52
C THR B 140 -12.87 -7.58 -10.83
N ASP B 141 -12.68 -6.38 -11.36
CA ASP B 141 -13.76 -5.50 -11.78
C ASP B 141 -14.84 -5.12 -10.79
N PHE B 142 -14.52 -5.02 -9.50
CA PHE B 142 -15.54 -4.61 -8.52
C PHE B 142 -15.37 -3.15 -8.07
N TYR B 143 -16.48 -2.53 -7.71
CA TYR B 143 -16.50 -1.12 -7.26
C TYR B 143 -17.78 -0.90 -6.45
N PRO B 144 -17.69 -0.29 -5.26
CA PRO B 144 -16.51 0.25 -4.55
C PRO B 144 -15.42 -0.80 -4.30
N GLY B 145 -14.27 -0.31 -3.85
CA GLY B 145 -13.13 -1.17 -3.59
C GLY B 145 -13.07 -2.00 -2.33
N VAL B 146 -14.20 -2.44 -1.80
CA VAL B 146 -14.12 -3.27 -0.61
C VAL B 146 -14.98 -4.52 -0.75
N VAL B 147 -14.34 -5.63 -0.42
CA VAL B 147 -14.94 -6.95 -0.48
C VAL B 147 -14.44 -7.70 0.75
N THR B 148 -15.15 -8.76 1.10
CA THR B 148 -14.76 -9.58 2.22
C THR B 148 -14.68 -10.97 1.61
N VAL B 149 -13.51 -11.60 1.70
CA VAL B 149 -13.34 -12.94 1.15
C VAL B 149 -13.40 -14.00 2.25
N ASP B 150 -14.12 -15.08 1.99
CA ASP B 150 -14.25 -16.18 2.94
C ASP B 150 -13.99 -17.48 2.22
N TRP B 151 -13.23 -18.37 2.85
CA TRP B 151 -12.96 -19.66 2.24
C TRP B 151 -13.75 -20.68 3.02
N THR B 152 -14.12 -21.76 2.34
CA THR B 152 -14.92 -22.79 2.96
C THR B 152 -14.53 -24.14 2.39
N VAL B 153 -14.24 -25.08 3.27
CA VAL B 153 -13.89 -26.42 2.85
C VAL B 153 -15.02 -27.29 3.36
N ASP B 154 -15.60 -28.09 2.47
CA ASP B 154 -16.73 -28.95 2.80
C ASP B 154 -17.85 -28.16 3.44
N GLY B 155 -18.08 -26.95 2.95
CA GLY B 155 -19.14 -26.11 3.48
C GLY B 155 -18.83 -25.42 4.79
N THR B 156 -17.69 -25.75 5.38
CA THR B 156 -17.26 -25.18 6.66
C THR B 156 -16.20 -24.08 6.55
N PRO B 157 -16.43 -22.92 7.18
CA PRO B 157 -15.47 -21.80 7.14
C PRO B 157 -14.08 -22.20 7.62
N VAL B 158 -13.07 -21.97 6.79
CA VAL B 158 -11.71 -22.27 7.20
C VAL B 158 -11.03 -20.91 7.36
N THR B 159 -10.14 -20.83 8.34
CA THR B 159 -9.45 -19.59 8.64
C THR B 159 -8.03 -19.92 9.06
N GLN B 160 -7.30 -20.58 8.19
CA GLN B 160 -5.93 -20.96 8.48
C GLN B 160 -5.29 -21.28 7.14
N GLY B 161 -4.13 -20.70 6.90
CA GLY B 161 -3.46 -20.92 5.64
C GLY B 161 -4.20 -20.13 4.58
N MET B 162 -4.67 -18.95 4.98
CA MET B 162 -5.41 -18.07 4.09
C MET B 162 -4.76 -16.70 4.01
N GLU B 163 -4.63 -16.17 2.79
CA GLU B 163 -4.02 -14.84 2.57
C GLU B 163 -4.84 -14.09 1.53
N THR B 164 -5.34 -12.91 1.89
CA THR B 164 -6.13 -12.09 0.97
C THR B 164 -5.38 -10.80 0.73
N THR B 165 -5.24 -10.36 -0.52
CA THR B 165 -4.54 -9.11 -0.72
C THR B 165 -5.49 -7.94 -0.51
N GLN B 166 -4.91 -6.76 -0.30
CA GLN B 166 -5.69 -5.57 -0.10
C GLN B 166 -6.07 -5.09 -1.50
N PRO B 167 -7.35 -4.78 -1.73
CA PRO B 167 -7.83 -4.32 -3.03
C PRO B 167 -6.89 -3.33 -3.70
N SER B 168 -6.65 -3.54 -5.00
CA SER B 168 -5.76 -2.68 -5.78
C SER B 168 -6.51 -2.12 -6.97
N LYS B 169 -6.25 -0.85 -7.28
CA LYS B 169 -6.90 -0.18 -8.41
C LYS B 169 -6.47 -0.73 -9.77
N GLN B 170 -7.46 -0.98 -10.63
CA GLN B 170 -7.21 -1.49 -11.96
C GLN B 170 -7.03 -0.37 -12.98
N SER B 171 -6.82 -0.75 -14.23
CA SER B 171 -6.63 0.18 -15.32
C SER B 171 -7.87 1.05 -15.45
N ASN B 172 -9.02 0.41 -15.63
CA ASN B 172 -10.29 1.10 -15.78
C ASN B 172 -10.86 1.70 -14.48
N ASN B 173 -10.00 1.93 -13.50
CA ASN B 173 -10.41 2.50 -12.21
C ASN B 173 -11.22 1.63 -11.24
N LYS B 174 -11.60 0.42 -11.65
CA LYS B 174 -12.31 -0.48 -10.74
C LYS B 174 -11.23 -1.13 -9.85
N TYR B 175 -11.64 -1.96 -8.90
CA TYR B 175 -10.70 -2.61 -7.98
C TYR B 175 -10.57 -4.13 -8.14
N MET B 176 -9.37 -4.65 -7.94
CA MET B 176 -9.13 -6.09 -8.04
C MET B 176 -8.35 -6.53 -6.81
N ALA B 177 -8.42 -7.83 -6.52
CA ALA B 177 -7.73 -8.38 -5.36
C ALA B 177 -7.70 -9.89 -5.45
N SER B 178 -6.75 -10.51 -4.76
CA SER B 178 -6.63 -11.95 -4.80
C SER B 178 -6.59 -12.57 -3.40
N SER B 179 -7.06 -13.81 -3.31
CA SER B 179 -7.00 -14.52 -2.04
C SER B 179 -6.41 -15.89 -2.35
N TYR B 180 -5.79 -16.50 -1.33
CA TYR B 180 -5.16 -17.80 -1.48
C TYR B 180 -5.50 -18.75 -0.33
N LEU B 181 -5.53 -20.04 -0.61
CA LEU B 181 -5.74 -21.05 0.42
C LEU B 181 -4.67 -22.10 0.17
N THR B 182 -3.79 -22.32 1.14
CA THR B 182 -2.73 -23.30 1.01
C THR B 182 -2.94 -24.41 2.02
N LEU B 183 -2.76 -25.65 1.58
CA LEU B 183 -2.90 -26.79 2.45
C LEU B 183 -1.85 -27.80 1.97
N THR B 184 -1.70 -28.89 2.70
CA THR B 184 -0.75 -29.91 2.29
C THR B 184 -1.49 -30.74 1.28
N ALA B 185 -0.78 -31.32 0.32
CA ALA B 185 -1.44 -32.16 -0.68
C ALA B 185 -2.34 -33.14 0.07
N ALA B 186 -1.82 -33.69 1.16
CA ALA B 186 -2.55 -34.64 1.99
C ALA B 186 -3.89 -34.08 2.42
N ALA B 187 -3.87 -32.99 3.17
CA ALA B 187 -5.09 -32.34 3.65
C ALA B 187 -6.12 -32.11 2.54
N TRP B 188 -5.63 -31.75 1.37
CA TRP B 188 -6.48 -31.49 0.19
C TRP B 188 -7.18 -32.73 -0.34
N GLU B 189 -6.58 -33.90 -0.13
CA GLU B 189 -7.14 -35.16 -0.62
C GLU B 189 -8.26 -35.78 0.22
N ARG B 190 -8.53 -35.23 1.40
CA ARG B 190 -9.60 -35.79 2.21
C ARG B 190 -10.92 -35.03 2.04
N HIS B 191 -10.84 -33.74 1.73
CA HIS B 191 -12.05 -32.95 1.55
C HIS B 191 -12.55 -33.03 0.10
N SER B 192 -13.81 -32.64 -0.10
CA SER B 192 -14.44 -32.72 -1.41
C SER B 192 -14.84 -31.38 -2.01
N SER B 193 -15.21 -30.44 -1.16
CA SER B 193 -15.63 -29.13 -1.64
C SER B 193 -14.72 -28.02 -1.19
N TYR B 194 -14.57 -27.04 -2.07
CA TYR B 194 -13.73 -25.87 -1.82
C TYR B 194 -14.41 -24.67 -2.47
N SER B 195 -14.60 -23.60 -1.70
CA SER B 195 -15.27 -22.43 -2.27
C SER B 195 -14.75 -21.07 -1.81
N CYS B 196 -14.72 -20.13 -2.75
CA CYS B 196 -14.25 -18.78 -2.50
C CYS B 196 -15.47 -17.86 -2.43
N GLN B 197 -15.80 -17.42 -1.22
CA GLN B 197 -16.95 -16.55 -1.03
C GLN B 197 -16.48 -15.11 -1.03
N VAL B 198 -17.13 -14.29 -1.85
CA VAL B 198 -16.79 -12.89 -1.93
C VAL B 198 -18.04 -12.07 -1.65
N THR B 199 -17.98 -11.24 -0.61
CA THR B 199 -19.09 -10.38 -0.23
C THR B 199 -18.75 -8.95 -0.61
N HIS B 200 -19.62 -8.36 -1.42
CA HIS B 200 -19.43 -7.00 -1.90
C HIS B 200 -20.76 -6.25 -1.85
N GLU B 201 -20.73 -5.10 -1.17
CA GLU B 201 -21.91 -4.26 -1.01
C GLU B 201 -23.12 -5.11 -0.62
N GLY B 202 -22.97 -5.91 0.43
CA GLY B 202 -24.04 -6.74 0.92
C GLY B 202 -24.51 -7.89 0.05
N HIS B 203 -23.90 -8.04 -1.13
CA HIS B 203 -24.27 -9.13 -2.04
C HIS B 203 -23.13 -10.13 -2.03
N THR B 204 -23.47 -11.40 -1.82
CA THR B 204 -22.44 -12.43 -1.75
C THR B 204 -22.32 -13.32 -2.98
N VAL B 205 -21.10 -13.52 -3.45
CA VAL B 205 -20.84 -14.37 -4.62
C VAL B 205 -19.88 -15.51 -4.28
N GLU B 206 -20.16 -16.67 -4.83
CA GLU B 206 -19.35 -17.84 -4.55
C GLU B 206 -18.96 -18.62 -5.80
N LYS B 207 -17.80 -19.27 -5.73
CA LYS B 207 -17.28 -20.10 -6.80
C LYS B 207 -16.77 -21.34 -6.10
N SER B 208 -17.28 -22.48 -6.52
CA SER B 208 -16.92 -23.75 -5.90
C SER B 208 -16.35 -24.75 -6.88
N LEU B 209 -15.70 -25.75 -6.34
CA LEU B 209 -15.16 -26.81 -7.16
C LEU B 209 -15.12 -28.06 -6.30
N SER B 210 -15.32 -29.21 -6.94
CA SER B 210 -15.29 -30.46 -6.22
C SER B 210 -14.08 -31.25 -6.73
N ARG B 211 -13.18 -31.60 -5.83
CA ARG B 211 -12.00 -32.36 -6.20
C ARG B 211 -12.40 -33.70 -6.82
N ASP C 1 11.70 19.13 24.48
CA ASP C 1 10.64 19.99 23.86
C ASP C 1 11.28 20.84 22.76
N LEU C 2 10.65 20.93 21.59
CA LEU C 2 11.24 21.72 20.51
C LEU C 2 10.44 22.69 19.62
N TRP C 3 10.62 22.49 18.32
CA TRP C 3 10.07 23.28 17.22
C TRP C 3 11.02 24.43 16.84
N THR C 4 12.31 24.16 17.14
CA THR C 4 13.56 24.94 16.85
C THR C 4 14.68 25.25 17.85
N THR C 5 15.62 26.02 17.29
CA THR C 5 16.85 26.54 17.88
C THR C 5 17.64 25.72 18.91
N ALA C 6 17.09 25.54 20.11
CA ALA C 6 17.78 24.79 21.17
C ALA C 6 17.99 23.28 20.93
N ILE C 7 17.66 22.84 19.74
CA ILE C 7 17.73 21.56 19.50
C ILE C 7 18.13 21.08 18.17
N PRO C 8 19.43 20.61 18.15
CA PRO C 8 20.27 20.00 17.14
C PRO C 8 20.83 18.81 18.04
N THR C 9 20.36 17.56 17.73
CA THR C 9 20.79 16.32 18.42
C THR C 9 19.76 15.85 19.41
N ILE C 10 18.55 16.40 19.31
CA ILE C 10 17.48 16.03 20.21
C ILE C 10 16.17 16.66 19.72
N PRO C 11 16.24 17.46 18.76
#